data_7QRL
#
_entry.id   7QRL
#
_cell.length_a   65.869
_cell.length_b   105.839
_cell.length_c   108.431
_cell.angle_alpha   90.000
_cell.angle_beta   90.000
_cell.angle_gamma   90.000
#
_symmetry.space_group_name_H-M   'P 2 21 21'
#
loop_
_entity.id
_entity.type
_entity.pdbx_description
1 polymer DipM
2 polymer DipM
3 water water
#
loop_
_entity_poly.entity_id
_entity_poly.type
_entity_poly.pdbx_seq_one_letter_code
_entity_poly.pdbx_strand_id
1 'polypeptide(L)'
;AAPTEAEIIASGKGKFAWPLRGDIISSFGVKGTGQRNDGLNIRAPQGTPVLSSADGEIAYAGNQVPTFGNLVLVKHADGW
VTAYAHLSSTNVKMRQQVKQGEQLGTVGATGGVNEPQLHFEMRYAPTVKDKAKPVDPALVLPR
;
A,B
2 'polypeptide(L)'
;TIIETAAAPTEAEIIASGKGKFAWPLRGDIISSFGVKGTGQRNDGLNIRAPQGTPVLSSADGEIAYAGNQVPTFGNLVLV
KHADGWVTAYAHLSSTNVKMRQQVKQGEQLGTVGATGGVNEPQLHFEMRYAPTVKDKAKPVDPALVLPR
;
C,D
#
# COMPACT_ATOMS: atom_id res chain seq x y z
N ALA A 1 13.30 7.06 23.72
CA ALA A 1 12.46 5.83 24.00
C ALA A 1 11.40 5.69 22.92
N ALA A 2 10.87 6.78 22.38
CA ALA A 2 9.84 6.74 21.31
C ALA A 2 10.44 6.06 20.08
N PRO A 3 9.71 5.14 19.42
CA PRO A 3 10.24 4.46 18.25
C PRO A 3 10.53 5.46 17.12
N THR A 4 11.53 5.13 16.31
CA THR A 4 11.86 5.92 15.10
C THR A 4 10.78 5.67 14.04
N GLU A 5 10.66 6.65 13.15
CA GLU A 5 9.79 6.55 11.96
C GLU A 5 10.17 5.29 11.17
N ALA A 6 11.45 4.96 11.05
CA ALA A 6 11.92 3.78 10.32
C ALA A 6 11.39 2.50 10.98
N GLU A 7 11.38 2.42 12.31
CA GLU A 7 10.85 1.21 13.00
C GLU A 7 9.33 1.09 12.74
N ILE A 8 8.63 2.21 12.85
CA ILE A 8 7.15 2.26 12.71
C ILE A 8 6.80 1.76 11.31
N ILE A 9 7.49 2.29 10.30
CA ILE A 9 7.24 1.92 8.88
C ILE A 9 7.59 0.46 8.65
N ALA A 10 8.75 -0.02 9.13
CA ALA A 10 9.16 -1.43 8.94
C ALA A 10 8.08 -2.33 9.52
N SER A 11 7.50 -1.96 10.65
CA SER A 11 6.46 -2.77 11.31
C SER A 11 5.13 -2.73 10.51
N GLY A 12 4.68 -1.56 10.08
CA GLY A 12 3.30 -1.36 9.62
C GLY A 12 3.12 -1.28 8.10
N LYS A 13 4.20 -1.22 7.35
CA LYS A 13 4.20 -0.97 5.89
C LYS A 13 3.29 -1.98 5.20
N GLY A 14 2.33 -1.49 4.41
CA GLY A 14 1.41 -2.29 3.60
C GLY A 14 0.33 -3.00 4.40
N LYS A 15 0.23 -2.79 5.71
CA LYS A 15 -0.74 -3.57 6.54
C LYS A 15 -2.11 -2.86 6.67
N PHE A 16 -2.21 -1.58 6.28
CA PHE A 16 -3.31 -0.69 6.71
C PHE A 16 -3.93 0.03 5.50
N ALA A 17 -5.27 0.11 5.49
CA ALA A 17 -6.08 0.79 4.46
C ALA A 17 -6.81 1.97 5.11
N TRP A 18 -7.23 2.94 4.31
CA TRP A 18 -8.00 4.10 4.79
C TRP A 18 -9.33 3.57 5.32
N PRO A 19 -9.76 4.02 6.52
CA PRO A 19 -11.06 3.63 7.09
C PRO A 19 -12.21 4.34 6.37
N LEU A 20 -11.88 5.45 5.74
CA LEU A 20 -12.80 6.48 5.22
C LEU A 20 -12.00 7.41 4.32
N ARG A 21 -12.63 7.93 3.27
CA ARG A 21 -12.00 8.96 2.40
C ARG A 21 -12.85 10.24 2.51
N GLY A 22 -12.19 11.39 2.57
CA GLY A 22 -12.85 12.69 2.71
C GLY A 22 -11.83 13.79 2.94
N ASP A 23 -12.30 15.02 3.04
CA ASP A 23 -11.49 16.19 3.45
C ASP A 23 -10.75 15.84 4.73
N ILE A 24 -9.46 16.18 4.80
CA ILE A 24 -8.71 16.17 6.08
C ILE A 24 -9.05 17.44 6.83
N ILE A 25 -9.85 17.34 7.89
CA ILE A 25 -10.17 18.49 8.78
C ILE A 25 -8.89 18.89 9.52
N SER A 26 -8.16 17.92 10.04
CA SER A 26 -6.96 18.14 10.88
C SER A 26 -6.06 16.89 10.82
N SER A 27 -4.77 17.08 10.68
CA SER A 27 -3.83 15.94 10.56
C SER A 27 -2.99 15.86 11.83
N PHE A 28 -2.08 14.90 11.85
CA PHE A 28 -1.27 14.50 13.02
C PHE A 28 -0.33 15.61 13.40
N GLY A 29 -0.17 15.83 14.70
CA GLY A 29 0.92 16.67 15.26
C GLY A 29 0.37 17.81 16.10
N VAL A 30 1.25 18.77 16.38
CA VAL A 30 0.96 19.98 17.20
C VAL A 30 0.73 21.12 16.21
N LYS A 31 -0.36 21.88 16.39
CA LYS A 31 -0.83 22.89 15.39
C LYS A 31 -0.14 24.24 15.63
N GLY A 32 0.50 24.44 16.79
CA GLY A 32 1.34 25.61 17.12
C GLY A 32 0.57 26.58 18.01
N THR A 33 -0.71 26.77 17.71
CA THR A 33 -1.71 27.38 18.62
C THR A 33 -1.85 26.54 19.90
N GLY A 34 -1.40 25.29 19.90
CA GLY A 34 -1.30 24.44 21.10
C GLY A 34 -2.26 23.27 21.05
N GLN A 35 -3.08 23.16 20.00
CA GLN A 35 -3.86 21.93 19.71
C GLN A 35 -2.89 20.77 19.42
N ARG A 36 -3.10 19.60 20.04
N ARG A 36 -3.11 19.61 20.03
CA ARG A 36 -2.44 18.35 19.59
CA ARG A 36 -2.44 18.34 19.62
C ARG A 36 -3.50 17.44 18.96
C ARG A 36 -3.50 17.44 18.97
N ASN A 37 -3.19 16.85 17.79
CA ASN A 37 -4.02 15.79 17.17
C ASN A 37 -3.20 14.49 17.15
N ASP A 38 -3.69 13.47 17.87
CA ASP A 38 -3.05 12.15 18.00
C ASP A 38 -3.37 11.32 16.74
N GLY A 39 -4.16 11.83 15.80
CA GLY A 39 -4.45 11.08 14.57
C GLY A 39 -4.90 12.01 13.46
N LEU A 40 -5.95 11.60 12.75
CA LEU A 40 -6.54 12.32 11.58
C LEU A 40 -8.01 12.56 11.86
N ASN A 41 -8.54 13.67 11.38
CA ASN A 41 -9.97 13.98 11.37
C ASN A 41 -10.38 14.04 9.90
N ILE A 42 -11.33 13.21 9.52
CA ILE A 42 -11.84 13.06 8.13
C ILE A 42 -13.32 13.46 8.09
N ARG A 43 -13.64 14.44 7.26
CA ARG A 43 -15.02 14.94 7.09
C ARG A 43 -15.80 13.91 6.28
N ALA A 44 -17.00 13.53 6.73
CA ALA A 44 -17.96 12.76 5.92
C ALA A 44 -19.36 12.98 6.48
N PRO A 45 -20.40 12.80 5.66
CA PRO A 45 -21.76 12.91 6.16
C PRO A 45 -22.02 11.87 7.24
N GLN A 46 -22.86 12.25 8.18
CA GLN A 46 -23.45 11.41 9.24
C GLN A 46 -24.00 10.14 8.59
N GLY A 47 -23.67 8.98 9.14
CA GLY A 47 -24.18 7.69 8.65
C GLY A 47 -23.24 7.03 7.65
N THR A 48 -22.18 7.73 7.23
CA THR A 48 -21.20 7.16 6.27
C THR A 48 -20.52 5.98 6.96
N PRO A 49 -20.40 4.83 6.30
CA PRO A 49 -19.68 3.69 6.85
C PRO A 49 -18.21 3.98 7.20
N VAL A 50 -17.76 3.47 8.35
CA VAL A 50 -16.35 3.53 8.82
C VAL A 50 -15.82 2.10 8.78
N LEU A 51 -14.74 1.89 8.03
CA LEU A 51 -14.22 0.53 7.71
C LEU A 51 -12.94 0.26 8.50
N SER A 52 -12.73 -0.97 8.92
CA SER A 52 -11.51 -1.38 9.65
C SER A 52 -10.29 -1.14 8.74
N SER A 53 -9.25 -0.54 9.29
CA SER A 53 -7.96 -0.32 8.60
C SER A 53 -7.27 -1.66 8.32
N ALA A 54 -7.49 -2.66 9.16
CA ALA A 54 -6.86 -4.00 8.99
C ALA A 54 -7.66 -5.08 9.71
N ASP A 55 -7.39 -6.33 9.38
CA ASP A 55 -7.86 -7.52 10.13
C ASP A 55 -7.52 -7.32 11.61
N GLY A 56 -8.44 -7.68 12.48
CA GLY A 56 -8.16 -7.66 13.91
C GLY A 56 -9.36 -8.06 14.73
N GLU A 57 -9.31 -7.70 15.99
CA GLU A 57 -10.31 -8.08 17.01
C GLU A 57 -10.75 -6.81 17.72
N ILE A 58 -12.04 -6.67 17.96
CA ILE A 58 -12.59 -5.49 18.67
C ILE A 58 -12.11 -5.59 20.13
N ALA A 59 -11.31 -4.62 20.55
CA ALA A 59 -10.74 -4.55 21.91
C ALA A 59 -11.62 -3.68 22.79
N TYR A 60 -12.33 -2.72 22.20
CA TYR A 60 -13.23 -1.80 22.93
C TYR A 60 -14.33 -1.32 21.99
N ALA A 61 -15.53 -1.25 22.52
CA ALA A 61 -16.70 -0.56 21.88
C ALA A 61 -17.51 0.09 22.99
N GLY A 62 -17.39 1.40 23.16
CA GLY A 62 -18.02 2.12 24.27
C GLY A 62 -17.78 3.61 24.17
N ASN A 63 -18.12 4.33 25.23
CA ASN A 63 -18.13 5.81 25.22
C ASN A 63 -17.43 6.34 26.47
N GLN A 64 -16.55 5.57 27.10
CA GLN A 64 -15.92 5.98 28.38
C GLN A 64 -14.61 6.73 28.12
N VAL A 65 -14.28 7.04 26.86
CA VAL A 65 -13.12 7.93 26.55
C VAL A 65 -13.63 9.35 26.29
N PRO A 66 -13.27 10.26 27.23
CA PRO A 66 -13.80 11.62 27.24
C PRO A 66 -13.46 12.36 25.94
N THR A 67 -14.50 12.91 25.32
CA THR A 67 -14.47 13.70 24.08
C THR A 67 -14.49 12.79 22.85
N PHE A 68 -14.34 11.48 22.96
CA PHE A 68 -14.31 10.61 21.74
C PHE A 68 -15.70 10.04 21.40
N GLY A 69 -16.72 10.33 22.21
CA GLY A 69 -18.08 9.81 21.95
C GLY A 69 -18.09 8.31 21.83
N ASN A 70 -18.80 7.77 20.85
CA ASN A 70 -18.78 6.31 20.56
C ASN A 70 -17.43 5.96 19.92
N LEU A 71 -16.70 5.08 20.59
CA LEU A 71 -15.30 4.71 20.22
C LEU A 71 -15.25 3.22 19.93
N VAL A 72 -14.58 2.85 18.84
CA VAL A 72 -14.16 1.44 18.60
C VAL A 72 -12.65 1.40 18.57
N LEU A 73 -12.06 0.44 19.29
CA LEU A 73 -10.63 0.10 19.19
C LEU A 73 -10.53 -1.30 18.62
N VAL A 74 -9.73 -1.42 17.56
CA VAL A 74 -9.41 -2.71 16.93
C VAL A 74 -7.95 -3.05 17.27
N LYS A 75 -7.74 -4.22 17.84
CA LYS A 75 -6.40 -4.79 18.11
C LYS A 75 -5.99 -5.56 16.85
N HIS A 76 -4.81 -5.25 16.33
CA HIS A 76 -4.20 -5.93 15.15
C HIS A 76 -2.99 -6.73 15.62
N ALA A 77 -2.39 -7.49 14.71
CA ALA A 77 -1.16 -8.27 14.99
C ALA A 77 -0.02 -7.31 15.30
N ASP A 78 0.94 -7.77 16.11
CA ASP A 78 2.30 -7.18 16.28
C ASP A 78 2.21 -5.81 16.95
N GLY A 79 1.31 -5.63 17.89
CA GLY A 79 1.33 -4.44 18.79
C GLY A 79 0.64 -3.21 18.19
N TRP A 80 -0.17 -3.38 17.15
CA TRP A 80 -0.93 -2.25 16.55
C TRP A 80 -2.35 -2.21 17.10
N VAL A 81 -2.85 -1.00 17.30
CA VAL A 81 -4.27 -0.71 17.62
C VAL A 81 -4.74 0.44 16.74
N THR A 82 -5.96 0.36 16.20
CA THR A 82 -6.58 1.51 15.48
C THR A 82 -7.83 1.91 16.26
N ALA A 83 -8.10 3.21 16.25
CA ALA A 83 -9.17 3.87 17.03
C ALA A 83 -10.06 4.63 16.06
N TYR A 84 -11.38 4.55 16.31
CA TYR A 84 -12.43 5.08 15.43
C TYR A 84 -13.38 5.81 16.36
N ALA A 85 -13.39 7.15 16.33
CA ALA A 85 -14.12 7.96 17.33
C ALA A 85 -15.18 8.84 16.65
N HIS A 86 -16.10 9.31 17.49
CA HIS A 86 -17.24 10.21 17.19
C HIS A 86 -18.34 9.50 16.40
N LEU A 87 -18.35 8.16 16.43
CA LEU A 87 -19.31 7.33 15.66
C LEU A 87 -20.76 7.66 16.07
N SER A 88 -21.69 7.58 15.11
CA SER A 88 -23.15 7.62 15.40
C SER A 88 -23.54 6.24 15.89
N SER A 89 -23.18 5.19 15.18
CA SER A 89 -23.51 3.81 15.55
C SER A 89 -22.28 2.90 15.41
N THR A 90 -22.31 1.81 16.16
CA THR A 90 -21.32 0.74 16.19
C THR A 90 -21.99 -0.53 15.67
N ASN A 91 -21.41 -1.19 14.69
CA ASN A 91 -21.96 -2.42 14.07
C ASN A 91 -21.25 -3.67 14.59
N VAL A 92 -20.34 -3.53 15.55
CA VAL A 92 -19.51 -4.66 16.03
C VAL A 92 -19.61 -4.72 17.54
N LYS A 93 -19.21 -5.85 18.11
CA LYS A 93 -19.17 -6.07 19.58
C LYS A 93 -17.74 -6.38 20.01
N MET A 94 -17.45 -6.18 21.29
N MET A 94 -17.45 -6.18 21.29
CA MET A 94 -16.18 -6.61 21.93
CA MET A 94 -16.18 -6.62 21.93
C MET A 94 -15.93 -8.09 21.60
C MET A 94 -15.93 -8.09 21.60
N ARG A 95 -14.67 -8.42 21.24
CA ARG A 95 -14.20 -9.81 20.97
C ARG A 95 -14.53 -10.24 19.53
N GLN A 96 -15.28 -9.47 18.77
CA GLN A 96 -15.62 -9.82 17.37
C GLN A 96 -14.37 -9.74 16.49
N GLN A 97 -14.11 -10.77 15.69
CA GLN A 97 -13.06 -10.79 14.67
C GLN A 97 -13.55 -10.02 13.44
N VAL A 98 -12.74 -9.11 12.91
CA VAL A 98 -13.10 -8.30 11.71
C VAL A 98 -11.97 -8.36 10.68
N LYS A 99 -12.36 -8.16 9.44
CA LYS A 99 -11.50 -8.09 8.25
C LYS A 99 -11.25 -6.63 7.90
N GLN A 100 -10.09 -6.38 7.29
CA GLN A 100 -9.82 -5.09 6.59
C GLN A 100 -11.01 -4.77 5.69
N GLY A 101 -11.53 -3.54 5.76
CA GLY A 101 -12.63 -3.05 4.90
C GLY A 101 -14.01 -3.32 5.49
N GLU A 102 -14.11 -4.07 6.59
CA GLU A 102 -15.39 -4.42 7.21
C GLU A 102 -15.95 -3.19 7.96
N GLN A 103 -17.26 -2.99 7.88
CA GLN A 103 -17.92 -1.84 8.53
C GLN A 103 -17.91 -2.03 10.05
N LEU A 104 -17.27 -1.10 10.77
CA LEU A 104 -17.20 -1.11 12.25
C LEU A 104 -18.35 -0.27 12.81
N GLY A 105 -18.77 0.74 12.05
CA GLY A 105 -19.79 1.70 12.46
C GLY A 105 -20.03 2.73 11.40
N THR A 106 -20.64 3.84 11.80
CA THR A 106 -21.03 4.96 10.93
C THR A 106 -20.54 6.27 11.53
N VAL A 107 -20.22 7.21 10.65
CA VAL A 107 -19.70 8.55 11.02
C VAL A 107 -20.79 9.25 11.83
N GLY A 108 -20.38 9.85 12.95
CA GLY A 108 -21.24 10.69 13.78
C GLY A 108 -20.54 11.98 14.20
N ALA A 109 -21.18 12.67 15.13
CA ALA A 109 -20.65 13.87 15.80
C ALA A 109 -20.70 13.66 17.31
N THR A 110 -20.55 12.43 17.81
CA THR A 110 -20.57 12.18 19.27
C THR A 110 -19.24 12.67 19.88
N GLY A 111 -19.29 13.23 21.08
CA GLY A 111 -18.11 13.79 21.79
C GLY A 111 -17.78 15.18 21.32
N GLY A 112 -16.51 15.57 21.35
CA GLY A 112 -16.08 16.98 21.19
C GLY A 112 -15.85 17.31 19.73
N VAL A 113 -16.89 17.26 18.90
CA VAL A 113 -16.83 17.76 17.49
C VAL A 113 -18.15 18.47 17.21
N ASN A 114 -18.14 19.41 16.27
CA ASN A 114 -19.29 20.29 15.94
C ASN A 114 -19.83 19.91 14.57
N GLU A 115 -19.28 18.88 13.92
CA GLU A 115 -19.77 18.41 12.60
C GLU A 115 -19.38 16.95 12.45
N PRO A 116 -20.17 16.18 11.69
CA PRO A 116 -19.89 14.76 11.52
C PRO A 116 -18.49 14.55 10.92
N GLN A 117 -17.74 13.62 11.51
CA GLN A 117 -16.35 13.33 11.09
C GLN A 117 -15.84 12.09 11.81
N LEU A 118 -14.84 11.44 11.22
CA LEU A 118 -14.12 10.34 11.89
C LEU A 118 -12.83 10.90 12.45
N HIS A 119 -12.59 10.68 13.74
CA HIS A 119 -11.25 10.77 14.34
C HIS A 119 -10.66 9.37 14.34
N PHE A 120 -9.50 9.23 13.69
CA PHE A 120 -8.82 7.93 13.46
C PHE A 120 -7.42 8.03 14.05
N GLU A 121 -7.03 7.06 14.86
CA GLU A 121 -5.67 6.98 15.45
C GLU A 121 -5.08 5.60 15.15
N MET A 122 -3.77 5.60 14.96
CA MET A 122 -2.95 4.38 14.76
C MET A 122 -1.92 4.39 15.87
N ARG A 123 -1.96 3.36 16.69
CA ARG A 123 -1.12 3.27 17.90
C ARG A 123 -0.27 2.03 17.77
N TYR A 124 0.95 2.14 18.24
CA TYR A 124 1.99 1.12 18.07
C TYR A 124 2.67 0.90 19.41
N ALA A 125 2.78 -0.36 19.80
CA ALA A 125 3.60 -0.84 20.93
C ALA A 125 4.64 -1.81 20.37
N PRO A 126 5.94 -1.44 20.34
CA PRO A 126 6.99 -2.33 19.88
C PRO A 126 7.04 -3.66 20.66
N THR A 127 6.78 -3.65 21.96
CA THR A 127 6.72 -4.90 22.78
C THR A 127 5.50 -4.85 23.71
N VAL A 128 5.17 -5.99 24.34
CA VAL A 128 3.97 -6.12 25.23
C VAL A 128 4.21 -5.32 26.53
N LYS A 129 5.45 -4.94 26.84
CA LYS A 129 5.80 -4.08 28.00
C LYS A 129 5.38 -2.63 27.73
N ASP A 130 5.22 -2.23 26.47
CA ASP A 130 5.05 -0.81 26.07
C ASP A 130 3.58 -0.44 25.95
N LYS A 131 3.27 0.84 26.23
CA LYS A 131 1.97 1.47 25.91
C LYS A 131 1.90 1.61 24.39
N ALA A 132 0.72 1.38 23.82
CA ALA A 132 0.43 1.65 22.39
C ALA A 132 0.33 3.15 22.21
N LYS A 133 1.32 3.78 21.58
CA LYS A 133 1.41 5.24 21.50
C LYS A 133 1.08 5.66 20.08
N PRO A 134 0.49 6.85 19.90
CA PRO A 134 0.07 7.31 18.57
C PRO A 134 1.27 7.54 17.64
N VAL A 135 1.01 7.31 16.38
CA VAL A 135 1.98 7.39 15.27
C VAL A 135 1.26 8.15 14.16
N ASP A 136 1.97 8.93 13.36
CA ASP A 136 1.37 9.69 12.24
C ASP A 136 0.81 8.69 11.23
N PRO A 137 -0.52 8.66 10.99
CA PRO A 137 -1.11 7.73 10.03
C PRO A 137 -0.52 7.85 8.62
N ALA A 138 0.02 9.01 8.27
CA ALA A 138 0.69 9.22 6.97
C ALA A 138 1.91 8.28 6.82
N LEU A 139 2.51 7.77 7.89
CA LEU A 139 3.64 6.81 7.78
C LEU A 139 3.20 5.47 7.17
N VAL A 140 1.93 5.08 7.34
CA VAL A 140 1.50 3.69 7.00
C VAL A 140 0.23 3.66 6.15
N LEU A 141 -0.45 4.77 5.91
CA LEU A 141 -1.65 4.71 5.04
C LEU A 141 -1.20 4.86 3.58
N PRO A 142 -1.90 4.21 2.64
CA PRO A 142 -1.60 4.38 1.21
C PRO A 142 -1.78 5.85 0.81
N ARG A 143 -1.07 6.25 -0.23
CA ARG A 143 -1.29 7.55 -0.88
C ARG A 143 -2.60 7.45 -1.66
N ALA B 1 -10.78 -20.38 -15.55
CA ALA B 1 -9.49 -20.93 -15.04
C ALA B 1 -8.53 -19.78 -14.68
N ALA B 2 -8.52 -18.66 -15.41
CA ALA B 2 -7.68 -17.50 -15.01
C ALA B 2 -8.22 -16.96 -13.69
N PRO B 3 -7.36 -16.61 -12.72
CA PRO B 3 -7.82 -16.06 -11.45
C PRO B 3 -8.58 -14.74 -11.68
N THR B 4 -9.58 -14.48 -10.84
CA THR B 4 -10.31 -13.20 -10.84
C THR B 4 -9.40 -12.10 -10.27
N GLU B 5 -9.70 -10.87 -10.65
CA GLU B 5 -8.98 -9.69 -10.13
C GLU B 5 -9.16 -9.67 -8.61
N ALA B 6 -10.33 -10.05 -8.08
CA ALA B 6 -10.58 -10.09 -6.62
C ALA B 6 -9.60 -11.08 -5.94
N GLU B 7 -9.36 -12.25 -6.54
CA GLU B 7 -8.42 -13.24 -5.95
C GLU B 7 -6.99 -12.68 -5.97
N ILE B 8 -6.60 -12.07 -7.09
CA ILE B 8 -5.22 -11.55 -7.30
C ILE B 8 -4.97 -10.49 -6.23
N ILE B 9 -5.93 -9.58 -6.06
CA ILE B 9 -5.81 -8.48 -5.07
C ILE B 9 -5.79 -9.06 -3.65
N ALA B 10 -6.68 -9.99 -3.32
CA ALA B 10 -6.75 -10.61 -1.97
C ALA B 10 -5.38 -11.21 -1.65
N SER B 11 -4.74 -11.81 -2.64
CA SER B 11 -3.42 -12.45 -2.43
C SER B 11 -2.31 -11.39 -2.28
N GLY B 12 -2.27 -10.37 -3.12
CA GLY B 12 -1.08 -9.51 -3.28
C GLY B 12 -1.16 -8.15 -2.59
N LYS B 13 -2.32 -7.80 -2.05
CA LYS B 13 -2.62 -6.46 -1.51
C LYS B 13 -1.55 -6.06 -0.49
N GLY B 14 -0.92 -4.90 -0.70
CA GLY B 14 0.05 -4.28 0.21
C GLY B 14 1.39 -5.03 0.31
N LYS B 15 1.64 -6.03 -0.53
CA LYS B 15 2.88 -6.85 -0.40
C LYS B 15 4.00 -6.33 -1.31
N PHE B 16 3.72 -5.39 -2.21
CA PHE B 16 4.58 -5.06 -3.36
C PHE B 16 4.81 -3.56 -3.47
N ALA B 17 6.06 -3.16 -3.72
CA ALA B 17 6.51 -1.76 -3.87
C ALA B 17 7.00 -1.57 -5.31
N TRP B 18 7.05 -0.31 -5.77
CA TRP B 18 7.57 0.01 -7.10
C TRP B 18 9.05 -0.37 -7.14
N PRO B 19 9.50 -1.07 -8.20
CA PRO B 19 10.92 -1.40 -8.36
C PRO B 19 11.73 -0.18 -8.83
N LEU B 20 11.02 0.79 -9.38
CA LEU B 20 11.56 1.92 -10.18
C LEU B 20 10.43 2.91 -10.43
N ARG B 21 10.74 4.19 -10.43
CA ARG B 21 9.77 5.27 -10.73
C ARG B 21 10.19 5.97 -12.01
N GLY B 22 9.24 6.27 -12.89
CA GLY B 22 9.54 6.93 -14.18
C GLY B 22 8.35 6.94 -15.09
N ASP B 23 8.52 7.51 -16.27
CA ASP B 23 7.51 7.48 -17.34
C ASP B 23 7.12 6.01 -17.59
N ILE B 24 5.83 5.75 -17.73
CA ILE B 24 5.32 4.44 -18.22
C ILE B 24 5.42 4.48 -19.74
N ILE B 25 6.36 3.75 -20.31
CA ILE B 25 6.49 3.62 -21.79
C ILE B 25 5.29 2.84 -22.30
N SER B 26 4.91 1.76 -21.63
CA SER B 26 3.69 0.98 -21.97
C SER B 26 3.25 0.14 -20.78
N SER B 27 1.94 0.01 -20.66
CA SER B 27 1.31 -0.63 -19.49
C SER B 27 0.75 -2.00 -19.92
N PHE B 28 0.14 -2.69 -18.98
CA PHE B 28 -0.32 -4.09 -19.13
C PHE B 28 -1.46 -4.15 -20.15
N GLY B 29 -1.48 -5.21 -20.96
CA GLY B 29 -2.64 -5.55 -21.80
C GLY B 29 -2.28 -5.59 -23.28
N VAL B 30 -3.29 -5.52 -24.14
CA VAL B 30 -3.17 -5.67 -25.62
C VAL B 30 -3.23 -4.28 -26.25
N LYS B 31 -2.57 -4.05 -27.40
CA LYS B 31 -2.38 -2.71 -27.99
C LYS B 31 -3.45 -2.40 -29.04
N GLY B 32 -4.23 -3.40 -29.47
CA GLY B 32 -5.30 -3.26 -30.48
C GLY B 32 -4.80 -3.83 -31.80
N THR B 33 -3.54 -3.54 -32.15
CA THR B 33 -2.86 -4.25 -33.26
C THR B 33 -2.59 -5.70 -32.87
N GLY B 34 -2.57 -6.01 -31.56
CA GLY B 34 -2.28 -7.37 -31.05
C GLY B 34 -0.89 -7.51 -30.44
N GLN B 35 -0.07 -6.46 -30.46
CA GLN B 35 1.15 -6.39 -29.60
C GLN B 35 0.72 -6.39 -28.12
N ARG B 36 1.33 -7.25 -27.30
N ARG B 36 1.28 -7.28 -27.30
CA ARG B 36 0.84 -7.53 -25.93
CA ARG B 36 0.81 -7.53 -25.91
C ARG B 36 1.96 -7.21 -24.94
C ARG B 36 1.94 -7.24 -24.93
N ASN B 37 1.62 -6.59 -23.80
CA ASN B 37 2.57 -6.33 -22.71
C ASN B 37 2.13 -7.12 -21.47
N ASP B 38 2.99 -8.05 -21.01
CA ASP B 38 2.73 -8.91 -19.84
C ASP B 38 3.02 -8.14 -18.55
N GLY B 39 3.47 -6.89 -18.64
CA GLY B 39 3.77 -6.10 -17.43
C GLY B 39 3.83 -4.63 -17.75
N LEU B 40 4.81 -3.93 -17.20
CA LEU B 40 5.01 -2.47 -17.34
C LEU B 40 6.40 -2.23 -17.90
N ASN B 41 6.54 -1.20 -18.71
CA ASN B 41 7.84 -0.69 -19.18
C ASN B 41 8.03 0.70 -18.59
N ILE B 42 9.08 0.89 -17.81
CA ILE B 42 9.37 2.15 -17.07
C ILE B 42 10.68 2.76 -17.59
N ARG B 43 10.61 4.00 -18.05
CA ARG B 43 11.77 4.72 -18.60
C ARG B 43 12.66 5.14 -17.44
N ALA B 44 13.96 4.87 -17.54
CA ALA B 44 14.98 5.46 -16.62
C ALA B 44 16.32 5.46 -17.29
N PRO B 45 17.24 6.33 -16.86
CA PRO B 45 18.59 6.35 -17.42
C PRO B 45 19.28 5.00 -17.14
N GLN B 46 20.12 4.60 -18.10
CA GLN B 46 21.03 3.45 -18.00
C GLN B 46 21.80 3.57 -16.67
N GLY B 47 21.88 2.48 -15.91
CA GLY B 47 22.64 2.45 -14.65
C GLY B 47 21.76 2.75 -13.45
N THR B 48 20.50 3.14 -13.65
CA THR B 48 19.61 3.46 -12.51
C THR B 48 19.37 2.17 -11.76
N PRO B 49 19.50 2.15 -10.42
CA PRO B 49 19.17 0.97 -9.62
C PRO B 49 17.73 0.45 -9.82
N VAL B 50 17.60 -0.87 -9.88
CA VAL B 50 16.29 -1.59 -9.95
C VAL B 50 16.15 -2.34 -8.63
N LEU B 51 15.06 -2.06 -7.91
CA LEU B 51 14.85 -2.55 -6.52
C LEU B 51 13.81 -3.66 -6.50
N SER B 52 13.99 -4.65 -5.63
CA SER B 52 13.04 -5.77 -5.46
C SER B 52 11.68 -5.23 -5.03
N SER B 53 10.61 -5.68 -5.66
CA SER B 53 9.22 -5.31 -5.32
C SER B 53 8.86 -5.84 -3.93
N ALA B 54 9.47 -6.96 -3.51
CA ALA B 54 9.17 -7.60 -2.21
C ALA B 54 10.31 -8.50 -1.78
N ASP B 55 10.32 -8.86 -0.49
CA ASP B 55 11.20 -9.90 0.07
C ASP B 55 11.05 -11.16 -0.79
N GLY B 56 12.15 -11.82 -1.08
CA GLY B 56 12.09 -13.11 -1.76
C GLY B 56 13.45 -13.68 -1.98
N GLU B 57 13.52 -14.60 -2.93
CA GLU B 57 14.73 -15.38 -3.25
C GLU B 57 14.93 -15.29 -4.76
N ILE B 58 16.17 -15.13 -5.19
CA ILE B 58 16.49 -15.08 -6.64
C ILE B 58 16.27 -16.49 -7.20
N ALA B 59 15.32 -16.61 -8.12
CA ALA B 59 14.96 -17.89 -8.78
C ALA B 59 15.70 -18.01 -10.10
N TYR B 60 16.05 -16.90 -10.73
CA TYR B 60 16.78 -16.89 -12.03
C TYR B 60 17.55 -15.57 -12.15
N ALA B 61 18.78 -15.69 -12.66
CA ALA B 61 19.60 -14.55 -13.11
C ALA B 61 20.38 -14.99 -14.36
N GLY B 62 19.94 -14.56 -15.53
CA GLY B 62 20.52 -14.99 -16.81
C GLY B 62 19.87 -14.29 -17.98
N ASN B 63 20.15 -14.75 -19.19
CA ASN B 63 19.71 -14.04 -20.42
C ASN B 63 19.10 -15.05 -21.40
N GLN B 64 18.58 -16.19 -20.92
CA GLN B 64 18.07 -17.27 -21.80
C GLN B 64 16.59 -17.06 -22.10
N VAL B 65 15.98 -15.96 -21.66
CA VAL B 65 14.60 -15.58 -22.08
C VAL B 65 14.66 -14.57 -23.23
N PRO B 66 14.19 -15.05 -24.40
CA PRO B 66 14.30 -14.33 -25.67
C PRO B 66 13.66 -12.93 -25.58
N THR B 67 14.48 -11.93 -25.90
CA THR B 67 14.14 -10.50 -25.99
C THR B 67 14.20 -9.84 -24.60
N PHE B 68 14.39 -10.55 -23.51
CA PHE B 68 14.41 -9.91 -22.17
C PHE B 68 15.83 -9.51 -21.73
N GLY B 69 16.86 -9.83 -22.52
CA GLY B 69 18.25 -9.47 -22.16
C GLY B 69 18.61 -10.05 -20.82
N ASN B 70 19.29 -9.28 -19.97
CA ASN B 70 19.62 -9.71 -18.59
C ASN B 70 18.33 -9.65 -17.76
N LEU B 71 17.96 -10.81 -17.23
CA LEU B 71 16.67 -11.03 -16.53
C LEU B 71 16.97 -11.51 -15.11
N VAL B 72 16.29 -10.91 -14.15
CA VAL B 72 16.20 -11.45 -12.76
C VAL B 72 14.76 -11.83 -12.49
N LEU B 73 14.55 -13.05 -11.96
CA LEU B 73 13.26 -13.50 -11.39
C LEU B 73 13.43 -13.65 -9.89
N VAL B 74 12.54 -13.00 -9.14
CA VAL B 74 12.47 -13.13 -7.67
C VAL B 74 11.22 -13.92 -7.32
N LYS B 75 11.42 -15.02 -6.60
CA LYS B 75 10.34 -15.85 -6.04
C LYS B 75 9.96 -15.24 -4.69
N HIS B 76 8.68 -14.94 -4.51
CA HIS B 76 8.10 -14.42 -3.25
C HIS B 76 7.23 -15.49 -2.60
N ALA B 77 6.74 -15.24 -1.41
CA ALA B 77 5.83 -16.19 -0.72
C ALA B 77 4.52 -16.30 -1.51
N ASP B 78 3.88 -17.46 -1.41
CA ASP B 78 2.47 -17.70 -1.81
C ASP B 78 2.31 -17.62 -3.32
N GLY B 79 3.31 -18.08 -4.07
CA GLY B 79 3.18 -18.34 -5.53
C GLY B 79 3.33 -17.08 -6.39
N TRP B 80 3.95 -16.04 -5.84
CA TRP B 80 4.26 -14.82 -6.59
C TRP B 80 5.69 -14.87 -7.12
N VAL B 81 5.86 -14.36 -8.33
CA VAL B 81 7.19 -14.13 -8.95
C VAL B 81 7.18 -12.73 -9.55
N THR B 82 8.29 -11.99 -9.39
CA THR B 82 8.49 -10.71 -10.11
C THR B 82 9.69 -10.86 -11.05
N ALA B 83 9.61 -10.19 -12.19
CA ALA B 83 10.58 -10.28 -13.29
C ALA B 83 11.09 -8.87 -13.58
N TYR B 84 12.39 -8.78 -13.82
CA TYR B 84 13.13 -7.51 -14.00
C TYR B 84 14.00 -7.74 -15.23
N ALA B 85 13.65 -7.13 -16.36
CA ALA B 85 14.27 -7.41 -17.66
C ALA B 85 14.95 -6.15 -18.24
N HIS B 86 15.83 -6.42 -19.20
CA HIS B 86 16.63 -5.45 -19.99
C HIS B 86 17.74 -4.82 -19.16
N LEU B 87 18.10 -5.43 -18.03
CA LEU B 87 19.13 -4.91 -17.10
C LEU B 87 20.49 -4.75 -17.80
N SER B 88 21.25 -3.74 -17.41
CA SER B 88 22.67 -3.57 -17.80
C SER B 88 23.49 -4.50 -16.93
N SER B 89 23.29 -4.48 -15.62
CA SER B 89 24.07 -5.27 -14.63
C SER B 89 23.11 -5.96 -13.64
N THR B 90 23.54 -7.09 -13.12
CA THR B 90 22.84 -7.88 -12.10
C THR B 90 23.71 -7.90 -10.85
N ASN B 91 23.17 -7.51 -9.70
CA ASN B 91 23.95 -7.40 -8.44
C ASN B 91 23.71 -8.60 -7.53
N VAL B 92 22.98 -9.62 -7.99
CA VAL B 92 22.51 -10.73 -7.11
C VAL B 92 22.84 -12.07 -7.78
N LYS B 93 22.77 -13.14 -7.01
CA LYS B 93 23.04 -14.53 -7.49
C LYS B 93 21.81 -15.39 -7.23
N MET B 94 21.66 -16.47 -8.00
CA MET B 94 20.72 -17.59 -7.74
C MET B 94 20.73 -17.96 -6.25
N ARG B 95 19.55 -18.09 -5.64
N ARG B 95 19.54 -18.07 -5.65
CA ARG B 95 19.35 -18.59 -4.24
CA ARG B 95 19.30 -18.56 -4.26
C ARG B 95 19.60 -17.48 -3.21
C ARG B 95 19.60 -17.48 -3.21
N GLN B 96 20.03 -16.30 -3.62
CA GLN B 96 20.25 -15.17 -2.67
C GLN B 96 18.90 -14.69 -2.13
N GLN B 97 18.80 -14.56 -0.81
CA GLN B 97 17.63 -13.94 -0.13
C GLN B 97 17.75 -12.42 -0.25
N VAL B 98 16.69 -11.76 -0.68
CA VAL B 98 16.66 -10.29 -0.85
C VAL B 98 15.45 -9.71 -0.12
N LYS B 99 15.58 -8.45 0.24
CA LYS B 99 14.56 -7.64 0.92
C LYS B 99 13.88 -6.75 -0.11
N GLN B 100 12.62 -6.41 0.15
CA GLN B 100 11.91 -5.29 -0.52
C GLN B 100 12.83 -4.06 -0.54
N GLY B 101 13.03 -3.45 -1.70
CA GLY B 101 13.83 -2.22 -1.83
C GLY B 101 15.30 -2.48 -2.11
N GLU B 102 15.75 -3.72 -2.04
CA GLU B 102 17.18 -4.07 -2.25
C GLU B 102 17.49 -4.00 -3.75
N GLN B 103 18.68 -3.51 -4.10
CA GLN B 103 19.11 -3.39 -5.51
C GLN B 103 19.37 -4.79 -6.08
N LEU B 104 18.64 -5.15 -7.14
CA LEU B 104 18.80 -6.44 -7.86
C LEU B 104 19.76 -6.24 -9.02
N GLY B 105 19.78 -5.04 -9.58
CA GLY B 105 20.53 -4.70 -10.80
C GLY B 105 20.38 -3.25 -11.15
N THR B 106 20.71 -2.93 -12.39
CA THR B 106 20.67 -1.56 -12.96
C THR B 106 19.94 -1.60 -14.29
N VAL B 107 19.26 -0.49 -14.60
CA VAL B 107 18.49 -0.33 -15.85
C VAL B 107 19.45 -0.43 -17.02
N GLY B 108 19.05 -1.19 -18.03
CA GLY B 108 19.78 -1.31 -19.29
C GLY B 108 18.86 -1.25 -20.49
N ALA B 109 19.46 -1.57 -21.65
CA ALA B 109 18.74 -1.71 -22.93
C ALA B 109 19.04 -3.09 -23.54
N THR B 110 19.30 -4.11 -22.72
CA THR B 110 19.60 -5.48 -23.24
C THR B 110 18.30 -6.12 -23.73
N GLY B 111 18.38 -6.86 -24.84
CA GLY B 111 17.22 -7.54 -25.48
C GLY B 111 16.46 -6.59 -26.38
N GLY B 112 15.15 -6.79 -26.52
CA GLY B 112 14.32 -6.11 -27.54
C GLY B 112 13.82 -4.76 -27.06
N VAL B 113 14.71 -3.81 -26.73
CA VAL B 113 14.31 -2.41 -26.48
C VAL B 113 15.34 -1.49 -27.16
N ASN B 114 14.91 -0.29 -27.49
CA ASN B 114 15.71 0.70 -28.24
C ASN B 114 16.12 1.85 -27.33
N GLU B 115 15.81 1.78 -26.04
CA GLU B 115 16.21 2.82 -25.06
C GLU B 115 16.21 2.17 -23.69
N PRO B 116 17.06 2.69 -22.77
CA PRO B 116 17.13 2.13 -21.43
C PRO B 116 15.76 2.19 -20.75
N GLN B 117 15.36 1.09 -20.15
CA GLN B 117 14.06 0.95 -19.46
C GLN B 117 14.01 -0.36 -18.70
N LEU B 118 13.13 -0.43 -17.70
CA LEU B 118 12.85 -1.68 -16.97
C LEU B 118 11.56 -2.25 -17.54
N HIS B 119 11.59 -3.51 -17.95
CA HIS B 119 10.37 -4.32 -18.13
C HIS B 119 10.15 -5.11 -16.83
N PHE B 120 9.01 -4.89 -16.21
CA PHE B 120 8.62 -5.46 -14.90
C PHE B 120 7.36 -6.29 -15.07
N GLU B 121 7.37 -7.54 -14.60
CA GLU B 121 6.20 -8.43 -14.63
C GLU B 121 5.94 -8.96 -13.22
N MET B 122 4.66 -9.15 -12.93
CA MET B 122 4.19 -9.76 -11.66
C MET B 122 3.37 -10.97 -12.07
N ARG B 123 3.83 -12.14 -11.65
CA ARG B 123 3.17 -13.43 -11.99
C ARG B 123 2.66 -14.09 -10.73
N TYR B 124 1.50 -14.70 -10.87
CA TYR B 124 0.76 -15.29 -9.74
C TYR B 124 0.36 -16.72 -10.11
N ALA B 125 0.65 -17.64 -9.22
CA ALA B 125 0.17 -19.05 -9.23
C ALA B 125 -0.63 -19.27 -7.95
N PRO B 126 -1.97 -19.44 -8.06
CA PRO B 126 -2.80 -19.68 -6.88
C PRO B 126 -2.38 -20.92 -6.09
N THR B 127 -1.98 -22.00 -6.78
CA THR B 127 -1.41 -23.21 -6.14
C THR B 127 -0.16 -23.68 -6.87
N VAL B 128 0.59 -24.62 -6.29
CA VAL B 128 1.85 -25.14 -6.87
C VAL B 128 1.54 -25.98 -8.12
N LYS B 129 0.30 -26.41 -8.33
CA LYS B 129 -0.15 -27.10 -9.59
C LYS B 129 -0.21 -26.13 -10.77
N ASP B 130 -0.34 -24.83 -10.52
CA ASP B 130 -0.63 -23.80 -11.55
C ASP B 130 0.66 -23.16 -12.06
N LYS B 131 0.65 -22.74 -13.32
CA LYS B 131 1.68 -21.88 -13.92
C LYS B 131 1.53 -20.48 -13.31
N ALA B 132 2.66 -19.83 -13.06
CA ALA B 132 2.71 -18.41 -12.61
C ALA B 132 2.38 -17.54 -13.82
N LYS B 133 1.19 -16.95 -13.87
CA LYS B 133 0.73 -16.23 -15.07
C LYS B 133 0.73 -14.74 -14.76
N PRO B 134 0.96 -13.89 -15.76
CA PRO B 134 1.03 -12.45 -15.58
C PRO B 134 -0.29 -11.85 -15.11
N VAL B 135 -0.15 -10.81 -14.31
CA VAL B 135 -1.27 -10.07 -13.67
C VAL B 135 -0.94 -8.60 -13.90
N ASP B 136 -1.95 -7.74 -14.06
CA ASP B 136 -1.74 -6.29 -14.24
C ASP B 136 -1.08 -5.74 -12.97
N PRO B 137 0.16 -5.23 -13.02
CA PRO B 137 0.81 -4.66 -11.84
C PRO B 137 0.00 -3.57 -11.12
N ALA B 138 -0.89 -2.89 -11.83
CA ALA B 138 -1.76 -1.85 -11.25
C ALA B 138 -2.70 -2.46 -10.20
N LEU B 139 -2.96 -3.77 -10.22
CA LEU B 139 -3.80 -4.42 -9.19
C LEU B 139 -3.13 -4.42 -7.81
N VAL B 140 -1.80 -4.40 -7.74
CA VAL B 140 -1.06 -4.65 -6.47
C VAL B 140 0.02 -3.60 -6.21
N LEU B 141 0.31 -2.69 -7.13
CA LEU B 141 1.35 -1.68 -6.83
C LEU B 141 0.70 -0.49 -6.14
N PRO B 142 1.42 0.20 -5.23
CA PRO B 142 0.90 1.41 -4.59
C PRO B 142 0.58 2.47 -5.65
N ARG B 143 -0.39 3.31 -5.35
CA ARG B 143 -0.73 4.45 -6.22
C ARG B 143 0.36 5.48 -5.98
N THR C 1 -30.84 -33.33 -32.98
CA THR C 1 -30.88 -32.44 -31.79
C THR C 1 -30.41 -31.02 -32.15
N ILE C 2 -29.42 -30.87 -33.03
CA ILE C 2 -29.01 -29.54 -33.58
C ILE C 2 -30.26 -28.88 -34.16
N ILE C 3 -31.00 -29.58 -35.02
CA ILE C 3 -32.21 -29.03 -35.66
C ILE C 3 -33.31 -28.84 -34.61
N GLU C 4 -33.52 -29.81 -33.73
CA GLU C 4 -34.67 -29.79 -32.76
C GLU C 4 -34.47 -28.70 -31.70
N THR C 5 -33.22 -28.29 -31.41
CA THR C 5 -32.89 -27.24 -30.39
C THR C 5 -32.78 -25.87 -31.04
N ALA C 6 -32.96 -25.81 -32.36
CA ALA C 6 -32.64 -24.61 -33.17
C ALA C 6 -33.65 -23.49 -32.87
N ALA C 7 -34.81 -23.83 -32.27
CA ALA C 7 -35.83 -22.85 -31.81
C ALA C 7 -35.44 -22.22 -30.47
N ALA C 8 -34.38 -22.68 -29.80
CA ALA C 8 -33.89 -22.10 -28.54
C ALA C 8 -33.60 -20.61 -28.76
N PRO C 9 -33.86 -19.73 -27.77
CA PRO C 9 -33.43 -18.34 -27.87
C PRO C 9 -31.92 -18.20 -28.14
N THR C 10 -31.54 -17.32 -29.07
CA THR C 10 -30.11 -17.07 -29.43
C THR C 10 -29.53 -16.10 -28.42
N GLU C 11 -28.21 -15.97 -28.35
CA GLU C 11 -27.51 -14.96 -27.52
C GLU C 11 -28.10 -13.57 -27.83
N ALA C 12 -28.30 -13.24 -29.10
CA ALA C 12 -28.79 -11.91 -29.53
C ALA C 12 -30.22 -11.72 -29.00
N GLU C 13 -31.08 -12.75 -29.02
CA GLU C 13 -32.46 -12.64 -28.49
C GLU C 13 -32.42 -12.42 -26.97
N ILE C 14 -31.56 -13.16 -26.27
CA ILE C 14 -31.43 -13.10 -24.78
C ILE C 14 -31.03 -11.68 -24.42
N ILE C 15 -30.03 -11.13 -25.10
CA ILE C 15 -29.53 -9.76 -24.86
C ILE C 15 -30.63 -8.73 -25.19
N ALA C 16 -31.30 -8.85 -26.33
CA ALA C 16 -32.34 -7.89 -26.77
C ALA C 16 -33.45 -7.87 -25.69
N SER C 17 -33.74 -9.04 -25.12
CA SER C 17 -34.81 -9.19 -24.13
C SER C 17 -34.39 -8.58 -22.80
N GLY C 18 -33.13 -8.78 -22.38
CA GLY C 18 -32.50 -8.16 -21.21
C GLY C 18 -32.46 -6.64 -21.28
N LYS C 19 -32.18 -6.06 -22.45
CA LYS C 19 -32.16 -4.58 -22.61
C LYS C 19 -33.53 -4.01 -22.21
N GLY C 20 -33.55 -3.00 -21.37
CA GLY C 20 -34.81 -2.37 -20.91
C GLY C 20 -35.49 -3.13 -19.78
N LYS C 21 -35.00 -4.30 -19.39
CA LYS C 21 -35.37 -4.99 -18.14
C LYS C 21 -34.29 -4.79 -17.07
N PHE C 22 -33.06 -4.40 -17.44
CA PHE C 22 -31.95 -4.23 -16.48
C PHE C 22 -31.43 -2.79 -16.49
N ALA C 23 -31.31 -2.25 -15.28
CA ALA C 23 -30.87 -0.86 -15.01
C ALA C 23 -29.54 -0.94 -14.28
N TRP C 24 -28.78 0.13 -14.31
CA TRP C 24 -27.51 0.22 -13.57
C TRP C 24 -27.83 0.14 -12.09
N PRO C 25 -27.07 -0.68 -11.33
CA PRO C 25 -27.21 -0.74 -9.88
C PRO C 25 -26.66 0.53 -9.20
N LEU C 26 -25.76 1.21 -9.92
CA LEU C 26 -25.25 2.57 -9.69
C LEU C 26 -24.30 2.94 -10.83
N ARG C 27 -23.98 4.24 -10.92
CA ARG C 27 -23.07 4.75 -11.98
C ARG C 27 -21.80 5.29 -11.34
N GLY C 28 -20.67 5.11 -12.02
CA GLY C 28 -19.36 5.64 -11.62
C GLY C 28 -18.30 5.26 -12.62
N ASP C 29 -17.05 5.60 -12.32
CA ASP C 29 -15.90 5.19 -13.18
C ASP C 29 -15.93 3.68 -13.31
N ILE C 30 -15.68 3.17 -14.51
CA ILE C 30 -15.42 1.71 -14.68
C ILE C 30 -13.95 1.46 -14.31
N ILE C 31 -13.71 0.91 -13.13
CA ILE C 31 -12.34 0.56 -12.66
C ILE C 31 -11.84 -0.61 -13.53
N SER C 32 -12.70 -1.57 -13.83
CA SER C 32 -12.35 -2.78 -14.58
C SER C 32 -13.58 -3.27 -15.35
N SER C 33 -13.37 -3.54 -16.63
CA SER C 33 -14.34 -4.03 -17.62
C SER C 33 -14.36 -5.56 -17.62
N PHE C 34 -15.36 -6.10 -18.28
CA PHE C 34 -15.61 -7.56 -18.40
C PHE C 34 -14.52 -8.17 -19.28
N GLY C 35 -14.09 -9.36 -18.91
CA GLY C 35 -13.49 -10.33 -19.84
C GLY C 35 -12.21 -10.90 -19.29
N VAL C 36 -11.61 -11.81 -20.06
CA VAL C 36 -10.26 -12.37 -19.81
C VAL C 36 -9.23 -11.31 -20.21
N LYS C 37 -8.38 -10.89 -19.28
CA LYS C 37 -7.41 -9.78 -19.52
C LYS C 37 -6.11 -10.35 -20.08
N GLY C 38 -5.76 -11.57 -19.68
CA GLY C 38 -4.70 -12.42 -20.23
C GLY C 38 -4.94 -13.83 -19.74
N THR C 39 -3.96 -14.73 -19.81
CA THR C 39 -4.10 -16.10 -19.28
C THR C 39 -4.17 -16.07 -17.74
N GLY C 40 -3.76 -14.96 -17.13
CA GLY C 40 -3.56 -14.87 -15.67
C GLY C 40 -4.61 -14.05 -14.96
N GLN C 41 -5.61 -13.51 -15.66
CA GLN C 41 -6.49 -12.48 -15.04
C GLN C 41 -7.83 -12.41 -15.76
N ARG C 42 -8.93 -12.41 -15.00
CA ARG C 42 -10.28 -12.31 -15.57
C ARG C 42 -11.15 -11.42 -14.69
N ASN C 43 -12.10 -10.72 -15.30
CA ASN C 43 -13.22 -10.03 -14.62
C ASN C 43 -14.51 -10.65 -15.15
N ASP C 44 -15.31 -11.25 -14.27
CA ASP C 44 -16.61 -11.87 -14.65
C ASP C 44 -17.69 -10.79 -14.73
N GLY C 45 -17.39 -9.52 -14.49
CA GLY C 45 -18.39 -8.46 -14.57
C GLY C 45 -17.77 -7.10 -14.75
N LEU C 46 -18.28 -6.11 -14.01
CA LEU C 46 -17.82 -4.70 -14.01
C LEU C 46 -17.46 -4.33 -12.60
N ASN C 47 -16.45 -3.48 -12.46
CA ASN C 47 -16.10 -2.86 -11.16
C ASN C 47 -16.35 -1.37 -11.33
N ILE C 48 -17.23 -0.83 -10.48
CA ILE C 48 -17.72 0.57 -10.55
C ILE C 48 -17.27 1.30 -9.29
N ARG C 49 -16.53 2.39 -9.47
CA ARG C 49 -16.02 3.24 -8.37
C ARG C 49 -17.20 3.99 -7.77
N ALA C 50 -17.31 4.02 -6.45
CA ALA C 50 -18.28 4.87 -5.73
C ALA C 50 -17.83 5.02 -4.29
N PRO C 51 -18.19 6.13 -3.63
CA PRO C 51 -17.87 6.31 -2.22
C PRO C 51 -18.52 5.21 -1.36
N GLN C 52 -17.81 4.79 -0.33
CA GLN C 52 -18.31 3.79 0.66
C GLN C 52 -19.64 4.32 1.21
N GLY C 53 -20.64 3.46 1.31
CA GLY C 53 -21.97 3.83 1.83
C GLY C 53 -22.93 4.15 0.71
N THR C 54 -22.48 4.31 -0.52
CA THR C 54 -23.39 4.63 -1.65
C THR C 54 -24.37 3.48 -1.82
N PRO C 55 -25.69 3.77 -1.91
CA PRO C 55 -26.68 2.73 -2.14
C PRO C 55 -26.46 1.93 -3.42
N VAL C 56 -26.65 0.61 -3.33
CA VAL C 56 -26.54 -0.34 -4.46
C VAL C 56 -27.96 -0.84 -4.73
N LEU C 57 -28.47 -0.61 -5.93
CA LEU C 57 -29.89 -0.86 -6.28
C LEU C 57 -29.99 -2.09 -7.17
N SER C 58 -31.02 -2.89 -7.00
CA SER C 58 -31.26 -4.11 -7.82
C SER C 58 -31.35 -3.69 -9.29
N SER C 59 -30.64 -4.39 -10.16
CA SER C 59 -30.68 -4.15 -11.62
C SER C 59 -32.09 -4.46 -12.15
N ALA C 60 -32.79 -5.41 -11.53
CA ALA C 60 -34.13 -5.82 -11.99
C ALA C 60 -34.93 -6.46 -10.86
N ASP C 61 -36.23 -6.55 -11.09
CA ASP C 61 -37.18 -7.34 -10.28
C ASP C 61 -36.61 -8.74 -10.10
N GLY C 62 -36.69 -9.29 -8.90
CA GLY C 62 -36.21 -10.65 -8.63
C GLY C 62 -36.36 -11.00 -7.18
N GLU C 63 -35.66 -12.05 -6.77
CA GLU C 63 -35.69 -12.61 -5.39
C GLU C 63 -34.24 -12.81 -4.95
N ILE C 64 -33.97 -12.53 -3.69
CA ILE C 64 -32.62 -12.71 -3.10
C ILE C 64 -32.33 -14.20 -3.02
N ALA C 65 -31.31 -14.66 -3.73
CA ALA C 65 -30.88 -16.08 -3.78
C ALA C 65 -29.76 -16.31 -2.77
N TYR C 66 -28.98 -15.27 -2.45
CA TYR C 66 -27.85 -15.34 -1.49
C TYR C 66 -27.60 -13.95 -0.91
N ALA C 67 -27.35 -13.91 0.40
CA ALA C 67 -26.86 -12.72 1.12
C ALA C 67 -25.91 -13.20 2.22
N GLY C 68 -24.61 -13.01 2.04
CA GLY C 68 -23.61 -13.50 2.99
C GLY C 68 -22.21 -13.19 2.56
N ASN C 69 -21.25 -13.79 3.25
CA ASN C 69 -19.82 -13.45 3.13
C ASN C 69 -19.01 -14.73 2.96
N GLN C 70 -19.60 -15.82 2.47
CA GLN C 70 -18.92 -17.14 2.44
C GLN C 70 -18.12 -17.30 1.14
N VAL C 71 -18.13 -16.31 0.24
CA VAL C 71 -17.17 -16.23 -0.89
C VAL C 71 -16.19 -15.11 -0.55
N PRO C 72 -15.11 -15.39 0.21
CA PRO C 72 -14.38 -14.33 0.93
C PRO C 72 -13.76 -13.21 0.09
N THR C 73 -13.28 -13.48 -1.14
CA THR C 73 -12.69 -12.47 -2.06
C THR C 73 -13.77 -11.49 -2.55
N PHE C 74 -15.05 -11.85 -2.48
CA PHE C 74 -16.18 -10.95 -2.85
C PHE C 74 -16.77 -10.29 -1.60
N GLY C 75 -16.19 -10.51 -0.42
CA GLY C 75 -16.65 -9.88 0.82
C GLY C 75 -18.15 -10.10 1.03
N ASN C 76 -18.88 -9.07 1.40
CA ASN C 76 -20.37 -9.13 1.53
C ASN C 76 -20.99 -9.18 0.13
N LEU C 77 -21.70 -10.27 -0.17
CA LEU C 77 -22.23 -10.59 -1.51
C LEU C 77 -23.75 -10.71 -1.45
N VAL C 78 -24.44 -10.12 -2.42
CA VAL C 78 -25.87 -10.40 -2.69
C VAL C 78 -25.98 -10.98 -4.09
N LEU C 79 -26.74 -12.08 -4.23
CA LEU C 79 -27.19 -12.63 -5.53
C LEU C 79 -28.70 -12.49 -5.63
N VAL C 80 -29.15 -11.94 -6.73
CA VAL C 80 -30.59 -11.76 -7.06
C VAL C 80 -30.89 -12.69 -8.22
N LYS C 81 -31.87 -13.57 -8.03
CA LYS C 81 -32.41 -14.44 -9.11
C LYS C 81 -33.54 -13.66 -9.79
N HIS C 82 -33.48 -13.53 -11.11
CA HIS C 82 -34.52 -12.87 -11.94
C HIS C 82 -35.28 -13.94 -12.73
N ALA C 83 -36.34 -13.55 -13.41
CA ALA C 83 -37.05 -14.47 -14.34
C ALA C 83 -36.14 -14.74 -15.55
N ASP C 84 -36.45 -15.81 -16.26
CA ASP C 84 -35.95 -16.14 -17.64
C ASP C 84 -34.45 -16.44 -17.60
N GLY C 85 -33.96 -17.08 -16.55
CA GLY C 85 -32.59 -17.61 -16.50
C GLY C 85 -31.54 -16.62 -16.01
N TRP C 86 -31.89 -15.42 -15.57
CA TRP C 86 -30.89 -14.41 -15.18
C TRP C 86 -30.60 -14.39 -13.66
N VAL C 87 -29.35 -14.13 -13.31
CA VAL C 87 -28.88 -13.87 -11.92
C VAL C 87 -27.96 -12.64 -11.96
N THR C 88 -28.09 -11.73 -11.00
CA THR C 88 -27.14 -10.59 -10.84
C THR C 88 -26.45 -10.71 -9.48
N ALA C 89 -25.19 -10.28 -9.44
CA ALA C 89 -24.32 -10.39 -8.25
C ALA C 89 -23.80 -8.98 -7.89
N TYR C 90 -23.73 -8.72 -6.58
CA TYR C 90 -23.42 -7.40 -6.00
C TYR C 90 -22.41 -7.69 -4.90
N ALA C 91 -21.13 -7.36 -5.10
CA ALA C 91 -20.04 -7.77 -4.20
C ALA C 91 -19.30 -6.55 -3.61
N HIS C 92 -18.55 -6.83 -2.54
CA HIS C 92 -17.68 -5.91 -1.79
C HIS C 92 -18.50 -4.93 -0.93
N LEU C 93 -19.76 -5.24 -0.67
CA LEU C 93 -20.71 -4.36 0.06
C LEU C 93 -20.19 -4.08 1.49
N SER C 94 -20.44 -2.87 1.98
CA SER C 94 -20.26 -2.51 3.41
C SER C 94 -21.39 -3.16 4.23
N SER C 95 -22.63 -2.99 3.80
CA SER C 95 -23.82 -3.58 4.46
C SER C 95 -24.80 -4.12 3.42
N THR C 96 -25.63 -5.06 3.86
CA THR C 96 -26.73 -5.63 3.07
C THR C 96 -28.04 -5.27 3.74
N ASN C 97 -29.00 -4.80 2.96
CA ASN C 97 -30.31 -4.32 3.43
C ASN C 97 -31.39 -5.37 3.17
N VAL C 98 -31.05 -6.57 2.69
CA VAL C 98 -32.06 -7.57 2.27
C VAL C 98 -31.78 -8.92 2.91
N LYS C 99 -32.75 -9.83 2.84
CA LYS C 99 -32.64 -11.20 3.39
C LYS C 99 -32.91 -12.19 2.26
N MET C 100 -32.40 -13.42 2.44
N MET C 100 -32.42 -13.42 2.45
CA MET C 100 -32.67 -14.56 1.54
CA MET C 100 -32.69 -14.60 1.59
C MET C 100 -34.20 -14.69 1.35
C MET C 100 -34.20 -14.70 1.34
N ARG C 101 -34.62 -14.92 0.11
N ARG C 101 -34.57 -14.89 0.09
CA ARG C 101 -36.01 -15.21 -0.32
CA ARG C 101 -35.96 -15.19 -0.35
C ARG C 101 -36.80 -13.91 -0.49
C ARG C 101 -36.77 -13.90 -0.54
N GLN C 102 -36.28 -12.75 -0.10
CA GLN C 102 -37.02 -11.46 -0.19
C GLN C 102 -37.21 -11.09 -1.67
N GLN C 103 -38.42 -10.75 -2.06
CA GLN C 103 -38.73 -10.24 -3.41
C GLN C 103 -38.35 -8.75 -3.46
N VAL C 104 -37.69 -8.35 -4.54
CA VAL C 104 -37.25 -6.95 -4.75
C VAL C 104 -37.71 -6.49 -6.13
N LYS C 105 -37.94 -5.17 -6.20
CA LYS C 105 -38.20 -4.48 -7.49
C LYS C 105 -36.89 -3.89 -7.99
N GLN C 106 -36.79 -3.70 -9.30
CA GLN C 106 -35.74 -2.86 -9.91
C GLN C 106 -35.64 -1.55 -9.11
N GLY C 107 -34.42 -1.16 -8.71
CA GLY C 107 -34.17 0.13 -8.06
C GLY C 107 -34.24 0.01 -6.54
N GLU C 108 -34.60 -1.15 -6.01
CA GLU C 108 -34.64 -1.37 -4.55
C GLU C 108 -33.24 -1.48 -3.97
N GLN C 109 -32.98 -0.90 -2.82
CA GLN C 109 -31.63 -0.90 -2.20
C GLN C 109 -31.33 -2.30 -1.67
N LEU C 110 -30.27 -2.93 -2.18
CA LEU C 110 -29.79 -4.27 -1.76
C LEU C 110 -28.75 -4.11 -0.66
N GLY C 111 -27.99 -3.02 -0.72
CA GLY C 111 -26.87 -2.77 0.20
C GLY C 111 -26.21 -1.43 -0.07
N THR C 112 -25.01 -1.29 0.47
CA THR C 112 -24.17 -0.08 0.31
C THR C 112 -22.79 -0.48 -0.18
N VAL C 113 -22.17 0.39 -0.96
CA VAL C 113 -20.82 0.16 -1.51
C VAL C 113 -19.84 0.03 -0.35
N GLY C 114 -18.97 -0.98 -0.44
CA GLY C 114 -17.87 -1.17 0.52
C GLY C 114 -16.57 -1.53 -0.17
N ALA C 115 -15.62 -1.96 0.66
CA ALA C 115 -14.31 -2.47 0.23
C ALA C 115 -14.08 -3.82 0.90
N THR C 116 -15.12 -4.62 1.10
CA THR C 116 -14.95 -5.97 1.69
C THR C 116 -14.42 -6.90 0.60
N GLY C 117 -13.51 -7.81 0.96
CA GLY C 117 -12.86 -8.73 0.02
C GLY C 117 -11.70 -8.08 -0.74
N GLY C 118 -11.42 -8.59 -1.93
CA GLY C 118 -10.22 -8.31 -2.72
C GLY C 118 -10.40 -7.09 -3.59
N VAL C 119 -10.40 -5.92 -2.97
CA VAL C 119 -10.39 -4.62 -3.69
C VAL C 119 -9.46 -3.66 -2.95
N ASN C 120 -9.03 -2.61 -3.66
CA ASN C 120 -8.08 -1.59 -3.14
C ASN C 120 -8.81 -0.30 -2.75
N GLU C 121 -10.10 -0.20 -3.06
CA GLU C 121 -10.90 1.01 -2.75
C GLU C 121 -12.37 0.63 -2.77
N PRO C 122 -13.25 1.43 -2.16
CA PRO C 122 -14.68 1.20 -2.26
C PRO C 122 -15.15 1.14 -3.71
N GLN C 123 -15.91 0.10 -4.02
CA GLN C 123 -16.44 -0.12 -5.39
C GLN C 123 -17.47 -1.25 -5.34
N LEU C 124 -18.31 -1.28 -6.35
CA LEU C 124 -19.24 -2.40 -6.56
C LEU C 124 -18.65 -3.29 -7.64
N HIS C 125 -18.53 -4.58 -7.37
CA HIS C 125 -18.39 -5.61 -8.42
C HIS C 125 -19.80 -6.12 -8.75
N PHE C 126 -20.18 -5.98 -10.02
CA PHE C 126 -21.51 -6.32 -10.55
C PHE C 126 -21.34 -7.36 -11.65
N GLU C 127 -22.09 -8.45 -11.58
CA GLU C 127 -22.12 -9.53 -12.60
C GLU C 127 -23.56 -9.75 -13.05
N MET C 128 -23.73 -10.12 -14.30
CA MET C 128 -24.99 -10.61 -14.89
C MET C 128 -24.70 -12.00 -15.42
N ARG C 129 -25.41 -13.01 -14.98
CA ARG C 129 -25.20 -14.41 -15.37
C ARG C 129 -26.50 -14.94 -15.98
N TYR C 130 -26.38 -15.80 -16.99
CA TYR C 130 -27.53 -16.32 -17.74
C TYR C 130 -27.41 -17.85 -17.82
N ALA C 131 -28.47 -18.55 -17.45
CA ALA C 131 -28.61 -20.02 -17.58
C ALA C 131 -29.78 -20.32 -18.52
N PRO C 132 -29.53 -20.92 -19.69
CA PRO C 132 -30.61 -21.27 -20.62
C PRO C 132 -31.67 -22.21 -20.00
N THR C 133 -31.26 -23.18 -19.19
CA THR C 133 -32.19 -24.06 -18.42
C THR C 133 -31.68 -24.19 -16.98
N VAL C 134 -32.53 -24.74 -16.10
CA VAL C 134 -32.21 -24.92 -14.66
C VAL C 134 -31.13 -26.00 -14.48
N LYS C 135 -30.87 -26.83 -15.49
CA LYS C 135 -29.78 -27.84 -15.48
C LYS C 135 -28.41 -27.16 -15.66
N ASP C 136 -28.37 -25.96 -16.23
CA ASP C 136 -27.12 -25.30 -16.67
C ASP C 136 -26.59 -24.35 -15.59
N LYS C 137 -25.27 -24.19 -15.52
CA LYS C 137 -24.64 -23.14 -14.69
C LYS C 137 -24.88 -21.79 -15.39
N ALA C 138 -25.14 -20.77 -14.57
CA ALA C 138 -25.35 -19.39 -15.02
C ALA C 138 -23.99 -18.84 -15.42
N LYS C 139 -23.78 -18.60 -16.71
CA LYS C 139 -22.47 -18.11 -17.20
C LYS C 139 -22.52 -16.59 -17.25
N PRO C 140 -21.41 -15.91 -16.89
CA PRO C 140 -21.34 -14.45 -16.97
C PRO C 140 -21.49 -13.92 -18.38
N VAL C 141 -22.12 -12.75 -18.46
CA VAL C 141 -22.40 -11.99 -19.70
C VAL C 141 -21.82 -10.59 -19.46
N ASP C 142 -21.26 -9.95 -20.47
CA ASP C 142 -20.71 -8.58 -20.35
C ASP C 142 -21.86 -7.64 -19.99
N PRO C 143 -21.88 -7.02 -18.80
CA PRO C 143 -22.99 -6.14 -18.43
C PRO C 143 -23.11 -4.93 -19.37
N ALA C 144 -22.03 -4.53 -20.01
CA ALA C 144 -22.05 -3.40 -20.97
C ALA C 144 -22.91 -3.76 -22.19
N LEU C 145 -23.12 -5.04 -22.50
CA LEU C 145 -23.92 -5.41 -23.69
C LEU C 145 -25.41 -5.27 -23.38
N VAL C 146 -25.79 -5.20 -22.10
CA VAL C 146 -27.19 -5.35 -21.65
C VAL C 146 -27.67 -4.05 -21.03
N LEU C 147 -26.85 -3.42 -20.20
CA LEU C 147 -27.25 -2.23 -19.42
C LEU C 147 -27.40 -1.02 -20.33
N PRO C 148 -28.22 -0.02 -19.94
CA PRO C 148 -28.38 1.20 -20.73
C PRO C 148 -27.00 1.87 -20.92
N ARG C 149 -26.73 2.44 -22.08
CA ARG C 149 -25.46 3.17 -22.30
C ARG C 149 -25.31 4.29 -21.23
N THR D 1 29.85 16.50 40.38
CA THR D 1 29.64 16.01 38.99
C THR D 1 28.92 17.08 38.17
N ILE D 2 27.81 17.66 38.67
CA ILE D 2 27.08 18.76 37.98
C ILE D 2 28.11 19.85 37.65
N ILE D 3 28.90 20.26 38.63
CA ILE D 3 29.92 21.33 38.45
C ILE D 3 31.07 20.84 37.55
N GLU D 4 31.62 19.65 37.80
CA GLU D 4 32.86 19.19 37.09
C GLU D 4 32.54 18.85 35.63
N THR D 5 31.28 18.53 35.29
CA THR D 5 30.82 18.22 33.90
C THR D 5 30.32 19.48 33.20
N ALA D 6 30.25 20.59 33.92
CA ALA D 6 29.45 21.78 33.52
C ALA D 6 30.14 22.48 32.35
N ALA D 7 31.45 22.21 32.16
CA ALA D 7 32.24 22.67 31.00
C ALA D 7 31.93 21.87 29.74
N ALA D 8 31.08 20.85 29.79
CA ALA D 8 30.71 20.05 28.59
C ALA D 8 30.11 20.98 27.55
N PRO D 9 30.42 20.81 26.24
CA PRO D 9 29.83 21.67 25.21
C PRO D 9 28.29 21.61 25.25
N THR D 10 27.62 22.76 25.19
CA THR D 10 26.14 22.86 25.20
C THR D 10 25.65 22.58 23.77
N GLU D 11 24.37 22.30 23.61
CA GLU D 11 23.73 22.13 22.29
C GLU D 11 24.04 23.36 21.40
N ALA D 12 23.93 24.57 21.95
CA ALA D 12 24.15 25.82 21.19
C ALA D 12 25.62 25.90 20.76
N GLU D 13 26.56 25.49 21.61
CA GLU D 13 28.00 25.51 21.23
C GLU D 13 28.27 24.48 20.12
N ILE D 14 27.69 23.27 20.23
CA ILE D 14 27.85 22.16 19.26
C ILE D 14 27.40 22.69 17.90
N ILE D 15 26.22 23.30 17.86
CA ILE D 15 25.62 23.83 16.60
C ILE D 15 26.50 24.95 16.04
N ALA D 16 26.91 25.92 16.87
CA ALA D 16 27.73 27.07 16.41
C ALA D 16 29.03 26.53 15.81
N SER D 17 29.56 25.49 16.42
CA SER D 17 30.86 24.89 16.08
C SER D 17 30.73 24.13 14.76
N GLY D 18 29.63 23.42 14.53
CA GLY D 18 29.35 22.71 13.27
C GLY D 18 29.17 23.65 12.08
N LYS D 19 28.61 24.84 12.28
CA LYS D 19 28.19 25.72 11.15
C LYS D 19 29.40 26.03 10.26
N GLY D 20 29.24 25.85 8.96
CA GLY D 20 30.28 26.13 7.96
C GLY D 20 31.25 24.96 7.79
N LYS D 21 31.14 23.89 8.58
CA LYS D 21 32.02 22.70 8.46
C LYS D 21 31.30 21.55 7.76
N PHE D 22 29.99 21.63 7.60
CA PHE D 22 29.14 20.52 7.10
C PHE D 22 28.34 21.00 5.89
N ALA D 23 28.35 20.19 4.84
CA ALA D 23 27.62 20.44 3.58
C ALA D 23 26.45 19.46 3.48
N TRP D 24 25.44 19.80 2.70
CA TRP D 24 24.31 18.87 2.44
C TRP D 24 24.88 17.65 1.74
N PRO D 25 24.47 16.43 2.15
CA PRO D 25 24.83 15.22 1.44
C PRO D 25 24.11 15.08 0.10
N LEU D 26 22.98 15.77 0.01
CA LEU D 26 22.14 16.05 -1.18
C LEU D 26 20.97 16.96 -0.78
N ARG D 27 20.29 17.52 -1.77
CA ARG D 27 19.13 18.40 -1.55
C ARG D 27 17.88 17.76 -2.15
N GLY D 28 16.75 17.99 -1.51
CA GLY D 28 15.43 17.52 -1.95
C GLY D 28 14.36 17.96 -0.96
N ASP D 29 13.13 17.59 -1.23
CA ASP D 29 11.99 17.77 -0.29
C ASP D 29 12.38 17.17 1.06
N ILE D 30 12.08 17.88 2.13
CA ILE D 30 12.18 17.29 3.49
C ILE D 30 10.91 16.46 3.73
N ILE D 31 11.03 15.14 3.67
CA ILE D 31 9.88 14.23 3.95
C ILE D 31 9.57 14.32 5.45
N SER D 32 10.60 14.36 6.29
CA SER D 32 10.45 14.36 7.75
C SER D 32 11.62 15.12 8.38
N SER D 33 11.28 16.02 9.31
CA SER D 33 12.17 16.90 10.07
C SER D 33 12.59 16.22 11.36
N PHE D 34 13.60 16.78 12.00
CA PHE D 34 14.20 16.26 13.25
C PHE D 34 13.19 16.47 14.38
N GLY D 35 13.18 15.51 15.30
CA GLY D 35 12.67 15.73 16.67
C GLY D 35 11.73 14.63 17.09
N VAL D 36 11.30 14.71 18.33
CA VAL D 36 10.20 13.88 18.90
C VAL D 36 8.88 14.43 18.35
N LYS D 37 8.10 13.60 17.65
CA LYS D 37 6.85 14.05 16.96
C LYS D 37 5.67 13.93 17.94
N GLY D 38 5.72 12.94 18.83
CA GLY D 38 4.86 12.78 20.03
C GLY D 38 5.53 11.77 20.93
N THR D 39 4.82 11.18 21.88
CA THR D 39 5.35 10.12 22.77
C THR D 39 5.67 8.86 21.97
N GLY D 40 5.12 8.73 20.75
CA GLY D 40 5.13 7.46 20.01
C GLY D 40 6.02 7.51 18.78
N GLN D 41 6.75 8.60 18.53
CA GLN D 41 7.40 8.76 17.19
C GLN D 41 8.54 9.76 17.27
N ARG D 42 9.71 9.41 16.72
CA ARG D 42 10.87 10.32 16.71
C ARG D 42 11.62 10.20 15.38
N ASN D 43 12.22 11.29 14.95
CA ASN D 43 13.23 11.34 13.85
C ASN D 43 14.54 11.85 14.45
N ASP D 44 15.61 11.05 14.40
CA ASP D 44 16.94 11.43 14.93
C ASP D 44 17.68 12.29 13.88
N GLY D 45 17.09 12.56 12.72
CA GLY D 45 17.77 13.41 11.72
C GLY D 45 16.79 14.03 10.74
N LEU D 46 17.13 13.99 9.45
CA LEU D 46 16.27 14.47 8.34
C LEU D 46 16.05 13.31 7.38
N ASN D 47 14.89 13.32 6.73
CA ASN D 47 14.60 12.42 5.60
C ASN D 47 14.42 13.29 4.38
N ILE D 48 15.25 13.06 3.37
CA ILE D 48 15.33 13.89 2.14
C ILE D 48 14.93 13.04 0.95
N ARG D 49 13.91 13.49 0.22
CA ARG D 49 13.40 12.79 -0.99
C ARG D 49 14.44 12.95 -2.10
N ALA D 50 14.77 11.88 -2.81
CA ALA D 50 15.51 11.93 -4.07
C ALA D 50 15.26 10.64 -4.85
N PRO D 51 15.44 10.67 -6.19
CA PRO D 51 15.28 9.45 -6.97
C PRO D 51 16.32 8.40 -6.56
N GLN D 52 15.93 7.14 -6.61
CA GLN D 52 16.82 5.99 -6.36
C GLN D 52 18.04 6.13 -7.30
N GLY D 53 19.24 5.89 -6.77
CA GLY D 53 20.48 5.99 -7.54
C GLY D 53 21.14 7.35 -7.40
N THR D 54 20.47 8.35 -6.84
CA THR D 54 21.05 9.70 -6.68
C THR D 54 22.27 9.58 -5.77
N PRO D 55 23.43 10.15 -6.17
CA PRO D 55 24.63 10.12 -5.33
C PRO D 55 24.44 10.77 -3.96
N VAL D 56 24.97 10.12 -2.94
CA VAL D 56 24.97 10.60 -1.53
C VAL D 56 26.40 10.99 -1.19
N LEU D 57 26.63 12.25 -0.84
CA LEU D 57 27.99 12.84 -0.66
C LEU D 57 28.27 13.04 0.83
N SER D 58 29.52 12.84 1.25
CA SER D 58 29.92 13.04 2.65
C SER D 58 29.69 14.50 3.04
N SER D 59 29.09 14.72 4.20
CA SER D 59 28.84 16.07 4.75
C SER D 59 30.18 16.76 5.07
N ALA D 60 31.22 15.97 5.42
CA ALA D 60 32.54 16.52 5.80
C ALA D 60 33.63 15.46 5.64
N ASP D 61 34.87 15.93 5.63
CA ASP D 61 36.08 15.08 5.71
C ASP D 61 35.92 14.13 6.89
N GLY D 62 36.27 12.86 6.72
CA GLY D 62 36.31 11.91 7.83
C GLY D 62 36.71 10.53 7.38
N GLU D 63 36.40 9.55 8.21
CA GLU D 63 36.71 8.13 7.92
C GLU D 63 35.48 7.28 8.16
N ILE D 64 35.31 6.28 7.32
CA ILE D 64 34.16 5.36 7.38
C ILE D 64 34.29 4.55 8.65
N ALA D 65 33.33 4.71 9.55
CA ALA D 65 33.28 4.01 10.86
C ALA D 65 32.40 2.77 10.74
N TYR D 66 31.45 2.77 9.82
CA TYR D 66 30.56 1.60 9.55
C TYR D 66 30.04 1.68 8.11
N ALA D 67 30.00 0.54 7.45
CA ALA D 67 29.32 0.32 6.15
C ALA D 67 28.72 -1.09 6.16
N GLY D 68 27.41 -1.19 6.32
CA GLY D 68 26.73 -2.49 6.41
C GLY D 68 25.23 -2.35 6.55
N ASN D 69 24.60 -3.48 6.83
CA ASN D 69 23.11 -3.56 6.86
C ASN D 69 22.65 -4.25 8.15
N GLN D 70 23.45 -4.21 9.21
CA GLN D 70 23.13 -4.95 10.47
C GLN D 70 22.24 -4.09 11.39
N VAL D 71 21.85 -2.88 11.01
CA VAL D 71 20.73 -2.13 11.66
C VAL D 71 19.57 -2.18 10.67
N PRO D 72 18.72 -3.24 10.66
CA PRO D 72 17.87 -3.54 9.51
C PRO D 72 16.85 -2.47 9.08
N THR D 73 16.27 -1.69 10.02
CA THR D 73 15.31 -0.58 9.74
C THR D 73 16.03 0.55 8.96
N PHE D 74 17.35 0.66 9.05
CA PHE D 74 18.15 1.66 8.30
C PHE D 74 18.68 1.09 7.00
N GLY D 75 18.38 -0.16 6.68
CA GLY D 75 18.83 -0.80 5.43
C GLY D 75 20.35 -0.69 5.31
N ASN D 76 20.85 -0.31 4.13
CA ASN D 76 22.30 -0.07 3.92
C ASN D 76 22.69 1.25 4.56
N LEU D 77 23.59 1.19 5.55
CA LEU D 77 23.98 2.34 6.39
C LEU D 77 25.48 2.60 6.23
N VAL D 78 25.83 3.88 6.08
CA VAL D 78 27.23 4.36 6.24
C VAL D 78 27.28 5.32 7.42
N LEU D 79 28.26 5.15 8.31
CA LEU D 79 28.63 6.14 9.34
C LEU D 79 30.02 6.68 9.01
N VAL D 80 30.14 8.00 8.99
CA VAL D 80 31.42 8.72 8.83
C VAL D 80 31.77 9.36 10.16
N LYS D 81 32.94 9.02 10.68
CA LYS D 81 33.54 9.67 11.87
C LYS D 81 34.32 10.88 11.37
N HIS D 82 34.05 12.04 11.94
CA HIS D 82 34.74 13.32 11.64
C HIS D 82 35.64 13.68 12.80
N ALA D 83 36.46 14.70 12.63
CA ALA D 83 37.25 15.32 13.69
C ALA D 83 36.33 15.86 14.79
N ASP D 84 36.84 15.88 16.03
CA ASP D 84 36.32 16.67 17.17
C ASP D 84 34.93 16.17 17.60
N GLY D 85 34.70 14.86 17.56
CA GLY D 85 33.55 14.22 18.22
C GLY D 85 32.31 14.12 17.33
N TRP D 86 32.41 14.45 16.05
CA TRP D 86 31.22 14.41 15.16
C TRP D 86 31.13 13.07 14.40
N VAL D 87 29.91 12.58 14.19
CA VAL D 87 29.59 11.41 13.34
C VAL D 87 28.39 11.78 12.48
N THR D 88 28.41 11.43 11.18
CA THR D 88 27.24 11.55 10.29
C THR D 88 26.82 10.17 9.82
N ALA D 89 25.51 9.99 9.61
CA ALA D 89 24.89 8.71 9.24
C ALA D 89 24.09 8.89 7.96
N TYR D 90 24.13 7.88 7.11
CA TYR D 90 23.58 7.90 5.73
C TYR D 90 22.87 6.56 5.59
N ALA D 91 21.54 6.55 5.58
CA ALA D 91 20.75 5.30 5.66
C ALA D 91 19.82 5.15 4.46
N HIS D 92 19.35 3.92 4.27
CA HIS D 92 18.39 3.47 3.23
C HIS D 92 19.04 3.39 1.86
N LEU D 93 20.37 3.37 1.80
CA LEU D 93 21.15 3.39 0.53
C LEU D 93 20.81 2.17 -0.35
N SER D 94 20.80 2.36 -1.67
CA SER D 94 20.77 1.26 -2.67
C SER D 94 22.14 0.57 -2.68
N SER D 95 23.20 1.35 -2.82
CA SER D 95 24.58 0.84 -2.87
C SER D 95 25.51 1.76 -2.06
N THR D 96 26.61 1.16 -1.64
CA THR D 96 27.68 1.79 -0.84
C THR D 96 28.95 1.78 -1.70
N ASN D 97 29.59 2.93 -1.84
CA ASN D 97 30.80 3.07 -2.69
C ASN D 97 32.06 3.08 -1.84
N VAL D 98 31.97 2.89 -0.52
CA VAL D 98 33.13 3.07 0.41
C VAL D 98 33.27 1.84 1.29
N LYS D 99 34.43 1.70 1.93
CA LYS D 99 34.76 0.56 2.81
C LYS D 99 35.11 1.09 4.20
N MET D 100 34.97 0.26 5.22
N MET D 100 35.01 0.23 5.21
CA MET D 100 35.45 0.51 6.61
CA MET D 100 35.41 0.55 6.60
C MET D 100 36.87 1.08 6.58
C MET D 100 36.86 1.07 6.58
N ARG D 101 37.12 2.15 7.32
CA ARG D 101 38.46 2.75 7.58
C ARG D 101 38.89 3.66 6.42
N GLN D 102 38.15 3.73 5.33
CA GLN D 102 38.49 4.58 4.16
C GLN D 102 38.36 6.06 4.59
N GLN D 103 39.37 6.86 4.29
CA GLN D 103 39.31 8.34 4.46
C GLN D 103 38.55 8.93 3.27
N VAL D 104 37.64 9.84 3.57
CA VAL D 104 36.83 10.55 2.54
C VAL D 104 36.94 12.06 2.78
N LYS D 105 36.80 12.80 1.68
CA LYS D 105 36.68 14.28 1.70
C LYS D 105 35.20 14.65 1.68
N GLN D 106 34.90 15.83 2.21
CA GLN D 106 33.60 16.51 1.97
C GLN D 106 33.26 16.44 0.47
N GLY D 107 32.06 16.00 0.13
CA GLY D 107 31.57 15.98 -1.27
C GLY D 107 31.86 14.65 -1.97
N GLU D 108 32.59 13.75 -1.33
CA GLU D 108 32.91 12.43 -1.92
C GLU D 108 31.68 11.53 -1.87
N GLN D 109 31.44 10.75 -2.92
CA GLN D 109 30.27 9.85 -3.02
C GLN D 109 30.46 8.67 -2.05
N LEU D 110 29.54 8.53 -1.09
CA LEU D 110 29.51 7.43 -0.10
C LEU D 110 28.65 6.30 -0.62
N GLY D 111 27.63 6.62 -1.40
CA GLY D 111 26.66 5.65 -1.90
C GLY D 111 25.64 6.29 -2.83
N THR D 112 24.53 5.59 -3.05
CA THR D 112 23.37 6.06 -3.83
C THR D 112 22.11 5.92 -3.02
N VAL D 113 21.17 6.81 -3.26
CA VAL D 113 19.85 6.83 -2.57
C VAL D 113 19.14 5.51 -2.88
N GLY D 114 18.55 4.93 -1.83
CA GLY D 114 17.71 3.73 -1.98
C GLY D 114 16.46 3.83 -1.14
N ALA D 115 15.78 2.68 -1.08
CA ALA D 115 14.60 2.46 -0.22
C ALA D 115 14.84 1.20 0.61
N THR D 116 16.08 0.93 1.05
CA THR D 116 16.33 -0.24 1.93
C THR D 116 15.88 0.13 3.36
N GLY D 117 15.31 -0.81 4.08
CA GLY D 117 14.81 -0.60 5.45
C GLY D 117 13.42 0.02 5.46
N GLY D 118 13.09 0.72 6.56
CA GLY D 118 11.74 1.19 6.89
C GLY D 118 11.46 2.52 6.25
N VAL D 119 11.22 2.52 4.95
CA VAL D 119 10.78 3.75 4.22
C VAL D 119 9.72 3.35 3.20
N ASN D 120 8.95 4.35 2.72
CA ASN D 120 7.88 4.15 1.72
C ASN D 120 8.34 4.52 0.30
N GLU D 121 9.51 5.15 0.17
CA GLU D 121 9.97 5.68 -1.13
C GLU D 121 11.47 5.91 -1.02
N PRO D 122 12.21 6.00 -2.15
CA PRO D 122 13.62 6.33 -2.11
C PRO D 122 13.85 7.66 -1.41
N GLN D 123 14.79 7.68 -0.49
CA GLN D 123 15.14 8.86 0.31
C GLN D 123 16.42 8.59 1.09
N LEU D 124 17.06 9.67 1.52
CA LEU D 124 18.21 9.57 2.43
C LEU D 124 17.72 9.91 3.81
N HIS D 125 18.01 9.06 4.78
CA HIS D 125 17.96 9.44 6.20
C HIS D 125 19.37 9.86 6.59
N PHE D 126 19.49 11.10 7.05
CA PHE D 126 20.77 11.75 7.41
C PHE D 126 20.73 12.15 8.88
N GLU D 127 21.74 11.78 9.65
CA GLU D 127 21.90 12.18 11.07
C GLU D 127 23.26 12.83 11.29
N MET D 128 23.32 13.74 12.23
CA MET D 128 24.55 14.42 12.71
C MET D 128 24.56 14.21 14.21
N ARG D 129 25.60 13.56 14.72
N ARG D 129 25.59 13.54 14.73
CA ARG D 129 25.72 13.21 16.16
CA ARG D 129 25.70 13.18 16.16
C ARG D 129 27.01 13.84 16.68
C ARG D 129 27.00 13.79 16.68
N TYR D 130 27.02 14.18 17.96
CA TYR D 130 28.18 14.78 18.63
C TYR D 130 28.43 14.03 19.93
N ALA D 131 29.67 13.59 20.17
CA ALA D 131 30.15 13.01 21.44
C ALA D 131 31.37 13.81 21.88
N PRO D 132 31.35 14.50 23.04
CA PRO D 132 32.53 15.22 23.52
C PRO D 132 33.73 14.28 23.76
N THR D 133 33.50 13.08 24.28
CA THR D 133 34.57 12.06 24.50
C THR D 133 34.07 10.70 24.07
N VAL D 134 34.97 9.72 23.94
CA VAL D 134 34.63 8.34 23.48
C VAL D 134 33.84 7.61 24.58
N LYS D 135 33.84 8.11 25.82
CA LYS D 135 33.02 7.56 26.94
C LYS D 135 31.54 7.96 26.76
N ASP D 136 31.23 8.99 25.97
CA ASP D 136 29.87 9.56 25.81
C ASP D 136 29.18 8.92 24.61
N LYS D 137 27.85 8.77 24.67
CA LYS D 137 27.04 8.40 23.48
C LYS D 137 26.98 9.64 22.58
N ALA D 138 27.07 9.42 21.27
CA ALA D 138 26.99 10.49 20.26
C ALA D 138 25.52 10.87 20.14
N LYS D 139 25.16 12.07 20.59
CA LYS D 139 23.74 12.49 20.63
C LYS D 139 23.42 13.25 19.35
N PRO D 140 22.22 13.01 18.79
CA PRO D 140 21.79 13.69 17.57
C PRO D 140 21.59 15.19 17.80
N VAL D 141 21.86 15.96 16.76
CA VAL D 141 21.49 17.39 16.69
C VAL D 141 20.75 17.61 15.38
N ASP D 142 19.86 18.59 15.35
CA ASP D 142 18.98 18.88 14.20
C ASP D 142 19.88 19.29 13.04
N PRO D 143 19.97 18.51 11.95
CA PRO D 143 20.81 18.88 10.83
C PRO D 143 20.40 20.20 10.17
N ALA D 144 19.14 20.58 10.25
CA ALA D 144 18.66 21.86 9.68
C ALA D 144 19.30 23.03 10.44
N LEU D 145 19.72 22.85 11.68
CA LEU D 145 20.28 23.98 12.49
C LEU D 145 21.76 24.12 12.15
N VAL D 146 22.37 23.13 11.50
CA VAL D 146 23.84 23.09 11.29
C VAL D 146 24.18 23.29 9.82
N LEU D 147 23.45 22.63 8.93
CA LEU D 147 23.71 22.64 7.48
C LEU D 147 23.38 24.01 6.89
N PRO D 148 23.98 24.39 5.75
CA PRO D 148 23.70 25.68 5.13
C PRO D 148 22.19 25.78 4.81
N ARG D 149 21.60 26.96 4.94
CA ARG D 149 20.16 27.17 4.62
C ARG D 149 19.87 26.66 3.18
#